data_2L07
#
_entry.id   2L07
#
_entity_poly.entity_id   1
_entity_poly.type   'polypeptide(L)'
_entity_poly.pdbx_seq_one_letter_code
;DCKRKVYPNGSISDYCEY
;
_entity_poly.pdbx_strand_id   A
#
# COMPACT_ATOMS: atom_id res chain seq x y z
N ASP A 1 11.68 -5.53 -2.95
CA ASP A 1 10.71 -5.88 -3.98
C ASP A 1 9.28 -5.74 -3.45
N CYS A 2 8.92 -4.52 -3.06
CA CYS A 2 7.60 -4.25 -2.55
C CYS A 2 6.95 -3.07 -3.26
N LYS A 3 5.63 -2.95 -3.14
CA LYS A 3 4.90 -1.86 -3.78
C LYS A 3 3.77 -1.37 -2.89
N ARG A 4 3.78 -0.07 -2.58
CA ARG A 4 2.77 0.52 -1.74
C ARG A 4 1.38 0.34 -2.34
N LYS A 5 0.42 -0.09 -1.52
CA LYS A 5 -0.94 -0.30 -1.97
C LYS A 5 -1.77 0.97 -1.84
N VAL A 6 -2.40 1.37 -2.94
CA VAL A 6 -3.23 2.57 -2.94
C VAL A 6 -4.69 2.24 -2.66
N TYR A 7 -5.29 2.98 -1.72
CA TYR A 7 -6.67 2.76 -1.35
C TYR A 7 -7.59 3.76 -2.04
N PRO A 8 -8.89 3.43 -2.12
CA PRO A 8 -9.89 4.30 -2.74
C PRO A 8 -10.16 5.56 -1.94
N ASN A 9 -9.80 5.53 -0.66
CA ASN A 9 -10.00 6.68 0.21
C ASN A 9 -9.08 7.83 -0.18
N GLY A 10 -8.02 7.51 -0.92
CA GLY A 10 -7.08 8.53 -1.35
C GLY A 10 -5.77 8.48 -0.59
N SER A 11 -5.62 7.45 0.25
CA SER A 11 -4.41 7.29 1.05
C SER A 11 -3.68 6.01 0.66
N ILE A 12 -2.44 5.87 1.15
CA ILE A 12 -1.64 4.70 0.85
C ILE A 12 -1.36 3.89 2.12
N SER A 13 -1.24 2.57 1.97
CA SER A 13 -0.98 1.70 3.09
C SER A 13 0.50 1.34 3.17
N ASP A 14 1.07 1.42 4.37
CA ASP A 14 2.48 1.10 4.58
C ASP A 14 2.64 -0.30 5.13
N TYR A 15 2.19 -1.29 4.35
CA TYR A 15 2.29 -2.69 4.77
C TYR A 15 2.47 -3.60 3.56
N CYS A 16 3.61 -4.29 3.51
CA CYS A 16 3.92 -5.19 2.41
C CYS A 16 3.96 -6.63 2.90
N GLU A 17 3.50 -7.55 2.06
CA GLU A 17 3.49 -8.97 2.40
C GLU A 17 4.82 -9.63 2.05
N TYR A 18 5.36 -10.41 2.98
CA TYR A 18 6.62 -11.10 2.76
C TYR A 18 6.42 -12.61 2.67
N ASP A 1 11.23 -6.52 -2.46
CA ASP A 1 10.51 -5.54 -3.27
C ASP A 1 9.02 -5.58 -2.98
N CYS A 2 8.45 -4.43 -2.66
CA CYS A 2 7.03 -4.33 -2.36
C CYS A 2 6.37 -3.23 -3.18
N LYS A 3 5.09 -3.40 -3.48
CA LYS A 3 4.34 -2.41 -4.27
C LYS A 3 3.25 -1.78 -3.42
N ARG A 4 3.38 -0.47 -3.16
CA ARG A 4 2.41 0.26 -2.36
C ARG A 4 1.02 0.17 -3.00
N LYS A 5 0.04 -0.21 -2.19
CA LYS A 5 -1.34 -0.33 -2.67
C LYS A 5 -2.10 0.97 -2.47
N VAL A 6 -2.62 1.52 -3.55
CA VAL A 6 -3.38 2.76 -3.50
C VAL A 6 -4.83 2.51 -3.11
N TYR A 7 -5.28 3.17 -2.06
CA TYR A 7 -6.65 3.02 -1.58
C TYR A 7 -7.54 4.13 -2.10
N PRO A 8 -8.87 3.90 -2.08
CA PRO A 8 -9.86 4.88 -2.55
C PRO A 8 -9.96 6.09 -1.63
N ASN A 9 -9.48 5.93 -0.40
CA ASN A 9 -9.53 7.00 0.58
C ASN A 9 -8.55 8.11 0.20
N GLY A 10 -7.58 7.78 -0.64
CA GLY A 10 -6.59 8.76 -1.06
C GLY A 10 -5.24 8.54 -0.40
N SER A 11 -5.11 7.44 0.34
CA SER A 11 -3.86 7.12 1.02
C SER A 11 -3.29 5.80 0.51
N ILE A 12 -2.08 5.48 0.96
CA ILE A 12 -1.42 4.25 0.56
C ILE A 12 -1.38 3.24 1.69
N SER A 13 -1.29 1.95 1.34
CA SER A 13 -1.26 0.89 2.33
C SER A 13 0.00 1.01 3.20
N ASP A 14 -0.19 0.82 4.51
CA ASP A 14 0.92 0.91 5.45
C ASP A 14 1.32 -0.48 5.95
N TYR A 15 1.55 -1.40 5.02
CA TYR A 15 1.94 -2.76 5.37
C TYR A 15 2.50 -3.49 4.16
N CYS A 16 3.52 -4.31 4.39
CA CYS A 16 4.15 -5.07 3.32
C CYS A 16 4.65 -6.43 3.83
N GLU A 17 4.45 -7.46 3.02
CA GLU A 17 4.88 -8.81 3.39
C GLU A 17 5.67 -9.45 2.26
N TYR A 18 6.61 -10.32 2.62
CA TYR A 18 7.45 -11.00 1.65
C TYR A 18 8.14 -10.00 0.72
N ASP A 1 12.15 -4.74 -2.63
CA ASP A 1 11.23 -3.60 -2.63
C ASP A 1 9.78 -4.08 -2.70
N CYS A 2 8.85 -3.17 -2.38
CA CYS A 2 7.43 -3.49 -2.39
C CYS A 2 6.64 -2.40 -3.09
N LYS A 3 5.65 -2.79 -3.89
CA LYS A 3 4.82 -1.85 -4.61
C LYS A 3 3.73 -1.28 -3.71
N ARG A 4 3.72 0.03 -3.52
CA ARG A 4 2.73 0.68 -2.68
C ARG A 4 1.32 0.32 -3.13
N LYS A 5 0.45 0.05 -2.15
CA LYS A 5 -0.93 -0.31 -2.43
C LYS A 5 -1.85 0.89 -2.28
N VAL A 6 -2.44 1.33 -3.38
CA VAL A 6 -3.35 2.47 -3.37
C VAL A 6 -4.71 2.08 -2.81
N TYR A 7 -5.16 2.79 -1.78
CA TYR A 7 -6.45 2.52 -1.16
C TYR A 7 -7.52 3.46 -1.68
N PRO A 8 -8.79 3.07 -1.51
CA PRO A 8 -9.93 3.88 -1.95
C PRO A 8 -10.10 5.15 -1.13
N ASN A 9 -9.50 5.17 0.05
CA ASN A 9 -9.59 6.32 0.94
C ASN A 9 -8.80 7.50 0.37
N GLY A 10 -7.89 7.21 -0.54
CA GLY A 10 -7.08 8.26 -1.14
C GLY A 10 -5.65 8.27 -0.62
N SER A 11 -5.32 7.28 0.19
CA SER A 11 -3.98 7.17 0.77
C SER A 11 -3.28 5.90 0.29
N ILE A 12 -1.99 5.79 0.60
CA ILE A 12 -1.21 4.63 0.21
C ILE A 12 -0.83 3.78 1.41
N SER A 13 -0.88 2.46 1.24
CA SER A 13 -0.54 1.54 2.32
C SER A 13 0.91 1.73 2.77
N ASP A 14 1.30 0.98 3.80
CA ASP A 14 2.66 1.07 4.32
C ASP A 14 3.25 -0.32 4.55
N TYR A 15 2.44 -1.21 5.12
CA TYR A 15 2.87 -2.58 5.40
C TYR A 15 2.60 -3.49 4.21
N CYS A 16 3.46 -4.47 4.00
CA CYS A 16 3.30 -5.42 2.90
C CYS A 16 3.19 -6.85 3.42
N GLU A 17 2.77 -7.76 2.54
CA GLU A 17 2.63 -9.17 2.92
C GLU A 17 3.75 -10.00 2.33
N TYR A 18 4.29 -10.91 3.14
CA TYR A 18 5.38 -11.78 2.70
C TYR A 18 4.93 -13.23 2.64
N ASP A 1 10.82 -5.58 -4.09
CA ASP A 1 9.94 -6.72 -3.83
C ASP A 1 8.48 -6.31 -3.89
N CYS A 2 8.07 -5.44 -2.97
CA CYS A 2 6.69 -4.98 -2.91
C CYS A 2 6.62 -3.47 -3.16
N LYS A 3 5.45 -2.99 -3.58
CA LYS A 3 5.26 -1.58 -3.85
C LYS A 3 4.00 -1.06 -3.17
N ARG A 4 4.01 0.20 -2.78
CA ARG A 4 2.86 0.81 -2.11
C ARG A 4 1.63 0.78 -3.02
N LYS A 5 0.45 0.85 -2.41
CA LYS A 5 -0.80 0.83 -3.16
C LYS A 5 -1.71 1.97 -2.72
N VAL A 6 -2.22 2.72 -3.70
CA VAL A 6 -3.11 3.83 -3.42
C VAL A 6 -4.56 3.38 -3.34
N TYR A 7 -5.23 3.77 -2.27
CA TYR A 7 -6.64 3.40 -2.07
C TYR A 7 -7.56 4.54 -2.47
N PRO A 8 -8.84 4.21 -2.73
CA PRO A 8 -9.86 5.19 -3.12
C PRO A 8 -10.22 6.14 -1.99
N ASN A 9 -9.91 5.73 -0.76
CA ASN A 9 -10.22 6.54 0.41
C ASN A 9 -9.34 7.79 0.44
N GLY A 10 -8.22 7.75 -0.29
CA GLY A 10 -7.31 8.88 -0.33
C GLY A 10 -6.04 8.63 0.47
N SER A 11 -5.89 7.41 0.96
CA SER A 11 -4.72 7.04 1.75
C SER A 11 -3.91 5.94 1.05
N ILE A 12 -2.72 5.67 1.57
CA ILE A 12 -1.86 4.64 1.00
C ILE A 12 -1.67 3.49 1.97
N SER A 13 -1.66 2.26 1.43
CA SER A 13 -1.49 1.07 2.24
C SER A 13 -0.02 0.86 2.60
N ASP A 14 0.25 0.64 3.89
CA ASP A 14 1.61 0.43 4.36
C ASP A 14 1.77 -0.96 4.95
N TYR A 15 1.81 -1.97 4.07
CA TYR A 15 1.95 -3.35 4.52
C TYR A 15 2.67 -4.19 3.46
N CYS A 16 3.67 -4.95 3.90
CA CYS A 16 4.44 -5.79 2.99
C CYS A 16 4.65 -7.18 3.59
N GLU A 17 4.75 -8.18 2.72
CA GLU A 17 4.95 -9.55 3.17
C GLU A 17 6.44 -9.87 3.32
N TYR A 18 6.77 -10.72 4.27
CA TYR A 18 8.16 -11.10 4.52
C TYR A 18 8.29 -12.61 4.69
N ASP A 1 12.62 -3.40 -3.60
CA ASP A 1 11.43 -2.60 -3.36
C ASP A 1 10.23 -3.48 -2.98
N CYS A 2 9.15 -2.84 -2.54
CA CYS A 2 7.95 -3.56 -2.14
C CYS A 2 6.70 -2.88 -2.69
N LYS A 3 5.71 -3.69 -3.07
CA LYS A 3 4.46 -3.16 -3.60
C LYS A 3 3.62 -2.53 -2.50
N ARG A 4 2.98 -1.41 -2.81
CA ARG A 4 2.15 -0.71 -1.84
C ARG A 4 0.67 -0.79 -2.24
N LYS A 5 -0.17 -1.18 -1.29
CA LYS A 5 -1.61 -1.30 -1.54
C LYS A 5 -2.27 0.07 -1.59
N VAL A 6 -2.92 0.37 -2.71
CA VAL A 6 -3.59 1.65 -2.89
C VAL A 6 -5.02 1.59 -2.38
N TYR A 7 -5.39 2.55 -1.53
CA TYR A 7 -6.72 2.61 -0.96
C TYR A 7 -7.59 3.61 -1.72
N PRO A 8 -8.91 3.47 -1.57
CA PRO A 8 -9.88 4.35 -2.23
C PRO A 8 -9.87 5.77 -1.65
N ASN A 9 -9.33 5.90 -0.44
CA ASN A 9 -9.25 7.19 0.22
C ASN A 9 -8.26 8.11 -0.48
N GLY A 10 -7.37 7.51 -1.27
CA GLY A 10 -6.38 8.29 -1.98
C GLY A 10 -4.99 8.17 -1.38
N SER A 11 -4.85 7.29 -0.39
CA SER A 11 -3.57 7.09 0.27
C SER A 11 -3.08 5.66 0.07
N ILE A 12 -1.84 5.41 0.47
CA ILE A 12 -1.24 4.08 0.34
C ILE A 12 -1.03 3.43 1.70
N SER A 13 -1.00 2.10 1.72
CA SER A 13 -0.80 1.37 2.96
C SER A 13 0.51 1.77 3.62
N ASP A 14 0.78 1.18 4.79
CA ASP A 14 2.01 1.47 5.52
C ASP A 14 2.95 0.27 5.52
N TYR A 15 2.37 -0.92 5.56
CA TYR A 15 3.16 -2.15 5.58
C TYR A 15 2.70 -3.10 4.48
N CYS A 16 3.66 -3.78 3.86
CA CYS A 16 3.35 -4.73 2.79
C CYS A 16 3.97 -6.10 3.08
N GLU A 17 3.35 -7.14 2.55
CA GLU A 17 3.86 -8.50 2.74
C GLU A 17 3.70 -9.33 1.47
N TYR A 18 4.56 -10.32 1.31
CA TYR A 18 4.53 -11.19 0.13
C TYR A 18 4.19 -12.62 0.52
N ASP A 1 12.60 -2.22 -2.87
CA ASP A 1 11.28 -1.75 -3.26
C ASP A 1 10.22 -2.79 -2.93
N CYS A 2 9.16 -2.35 -2.26
CA CYS A 2 8.07 -3.25 -1.87
C CYS A 2 6.77 -2.85 -2.59
N LYS A 3 6.04 -3.85 -3.05
CA LYS A 3 4.78 -3.61 -3.74
C LYS A 3 3.76 -2.98 -2.81
N ARG A 4 3.12 -1.91 -3.28
CA ARG A 4 2.12 -1.20 -2.48
C ARG A 4 0.79 -1.14 -3.22
N LYS A 5 -0.25 -0.70 -2.51
CA LYS A 5 -1.58 -0.59 -3.10
C LYS A 5 -2.24 0.73 -2.71
N VAL A 6 -2.99 1.31 -3.64
CA VAL A 6 -3.66 2.58 -3.39
C VAL A 6 -5.05 2.35 -2.79
N TYR A 7 -5.37 3.09 -1.75
CA TYR A 7 -6.66 2.97 -1.08
C TYR A 7 -7.63 4.03 -1.57
N PRO A 8 -8.94 3.79 -1.36
CA PRO A 8 -10.00 4.71 -1.77
C PRO A 8 -10.00 5.99 -0.95
N ASN A 9 -9.36 5.95 0.22
CA ASN A 9 -9.29 7.11 1.10
C ASN A 9 -8.40 8.19 0.50
N GLY A 10 -7.55 7.79 -0.44
CA GLY A 10 -6.65 8.74 -1.07
C GLY A 10 -5.21 8.59 -0.60
N SER A 11 -4.96 7.56 0.22
CA SER A 11 -3.63 7.32 0.75
C SER A 11 -3.08 5.99 0.22
N ILE A 12 -1.79 5.76 0.46
CA ILE A 12 -1.15 4.53 0.02
C ILE A 12 -0.97 3.56 1.19
N SER A 13 -1.11 2.26 0.89
CA SER A 13 -0.97 1.23 1.91
C SER A 13 0.41 1.30 2.56
N ASP A 14 0.46 0.96 3.86
CA ASP A 14 1.72 0.98 4.60
C ASP A 14 2.04 -0.39 5.17
N TYR A 15 1.81 -1.43 4.37
CA TYR A 15 2.07 -2.80 4.80
C TYR A 15 2.60 -3.64 3.64
N CYS A 16 3.36 -4.67 3.99
CA CYS A 16 3.93 -5.56 2.98
C CYS A 16 3.66 -7.02 3.32
N GLU A 17 3.67 -7.87 2.31
CA GLU A 17 3.42 -9.30 2.50
C GLU A 17 4.71 -10.10 2.34
N TYR A 18 4.83 -11.18 3.11
CA TYR A 18 6.01 -12.03 3.06
C TYR A 18 5.62 -13.50 2.98
N ASP A 1 11.04 -6.34 -4.39
CA ASP A 1 10.60 -7.00 -3.17
C ASP A 1 9.24 -6.45 -2.72
N CYS A 2 9.24 -5.22 -2.21
CA CYS A 2 8.01 -4.59 -1.73
C CYS A 2 7.79 -3.26 -2.45
N LYS A 3 6.52 -2.90 -2.62
CA LYS A 3 6.16 -1.66 -3.30
C LYS A 3 4.90 -1.04 -2.68
N ARG A 4 4.81 0.28 -2.73
CA ARG A 4 3.66 0.98 -2.18
C ARG A 4 2.38 0.54 -2.86
N LYS A 5 1.25 0.67 -2.15
CA LYS A 5 -0.05 0.29 -2.68
C LYS A 5 -1.11 1.31 -2.33
N VAL A 6 -1.89 1.72 -3.33
CA VAL A 6 -2.95 2.70 -3.11
C VAL A 6 -4.25 2.02 -2.70
N TYR A 7 -4.91 2.57 -1.69
CA TYR A 7 -6.17 2.01 -1.19
C TYR A 7 -7.36 2.79 -1.75
N PRO A 8 -8.55 2.16 -1.71
CA PRO A 8 -9.78 2.77 -2.21
C PRO A 8 -10.25 3.91 -1.33
N ASN A 9 -9.77 3.95 -0.09
CA ASN A 9 -10.15 4.99 0.86
C ASN A 9 -9.58 6.34 0.43
N GLY A 10 -8.56 6.30 -0.42
CA GLY A 10 -7.93 7.52 -0.89
C GLY A 10 -6.59 7.77 -0.27
N SER A 11 -6.11 6.79 0.51
CA SER A 11 -4.82 6.92 1.17
C SER A 11 -3.84 5.86 0.66
N ILE A 12 -2.57 6.02 1.02
CA ILE A 12 -1.54 5.08 0.59
C ILE A 12 -1.04 4.24 1.76
N SER A 13 -0.77 2.97 1.48
CA SER A 13 -0.29 2.05 2.52
C SER A 13 1.13 2.40 2.95
N ASP A 14 1.53 1.92 4.11
CA ASP A 14 2.86 2.19 4.64
C ASP A 14 3.72 0.93 4.61
N TYR A 15 3.14 -0.19 5.01
CA TYR A 15 3.85 -1.46 5.02
C TYR A 15 3.40 -2.36 3.87
N CYS A 16 4.16 -3.42 3.63
CA CYS A 16 3.84 -4.35 2.56
C CYS A 16 3.49 -5.73 3.11
N GLU A 17 2.71 -6.49 2.36
CA GLU A 17 2.30 -7.82 2.79
C GLU A 17 2.33 -8.80 1.60
N TYR A 18 2.72 -10.03 1.88
CA TYR A 18 2.79 -11.06 0.84
C TYR A 18 1.49 -11.85 0.78
N ASP A 1 12.32 -1.62 -1.50
CA ASP A 1 11.55 -1.62 -2.74
C ASP A 1 10.49 -2.73 -2.72
N CYS A 2 9.32 -2.40 -2.19
CA CYS A 2 8.23 -3.37 -2.11
C CYS A 2 6.96 -2.82 -2.77
N LYS A 3 6.20 -3.71 -3.38
CA LYS A 3 4.95 -3.32 -4.05
C LYS A 3 3.91 -2.89 -3.04
N ARG A 4 3.50 -1.62 -3.11
CA ARG A 4 2.50 -1.08 -2.20
C ARG A 4 1.10 -1.22 -2.79
N LYS A 5 0.09 -0.94 -1.97
CA LYS A 5 -1.30 -1.04 -2.40
C LYS A 5 -2.03 0.28 -2.21
N VAL A 6 -2.79 0.69 -3.21
CA VAL A 6 -3.54 1.94 -3.14
C VAL A 6 -4.94 1.72 -2.58
N TYR A 7 -5.33 2.54 -1.61
CA TYR A 7 -6.63 2.42 -0.99
C TYR A 7 -7.61 3.45 -1.56
N PRO A 8 -8.91 3.20 -1.38
CA PRO A 8 -9.97 4.08 -1.88
C PRO A 8 -10.02 5.40 -1.12
N ASN A 9 -9.43 5.42 0.08
CA ASN A 9 -9.42 6.63 0.90
C ASN A 9 -8.53 7.69 0.27
N GLY A 10 -7.64 7.28 -0.63
CA GLY A 10 -6.76 8.21 -1.28
C GLY A 10 -5.34 8.12 -0.77
N SER A 11 -5.08 7.14 0.10
CA SER A 11 -3.75 6.95 0.66
C SER A 11 -3.16 5.61 0.23
N ILE A 12 -1.87 5.43 0.48
CA ILE A 12 -1.19 4.20 0.12
C ILE A 12 -0.70 3.45 1.36
N SER A 13 -0.76 2.13 1.31
CA SER A 13 -0.33 1.30 2.43
C SER A 13 1.13 1.57 2.77
N ASP A 14 1.48 1.42 4.05
CA ASP A 14 2.84 1.64 4.51
C ASP A 14 3.64 0.35 4.49
N TYR A 15 3.02 -0.73 4.96
CA TYR A 15 3.67 -2.03 5.01
C TYR A 15 3.07 -2.98 3.98
N CYS A 16 3.86 -3.95 3.54
CA CYS A 16 3.41 -4.92 2.56
C CYS A 16 3.54 -6.35 3.09
N GLU A 17 2.59 -7.20 2.74
CA GLU A 17 2.58 -8.58 3.20
C GLU A 17 2.34 -9.54 2.04
N TYR A 18 3.20 -10.54 1.90
CA TYR A 18 3.07 -11.51 0.83
C TYR A 18 2.81 -12.92 1.39
N ASP A 1 11.00 -7.11 -2.57
CA ASP A 1 10.26 -6.29 -3.51
C ASP A 1 8.86 -5.99 -2.98
N CYS A 2 8.60 -4.71 -2.70
CA CYS A 2 7.30 -4.29 -2.18
C CYS A 2 6.64 -3.30 -3.13
N LYS A 3 5.35 -3.03 -2.90
CA LYS A 3 4.61 -2.11 -3.74
C LYS A 3 3.60 -1.31 -2.90
N ARG A 4 3.74 0.01 -2.93
CA ARG A 4 2.85 0.88 -2.17
C ARG A 4 1.40 0.57 -2.48
N LYS A 5 0.73 -0.12 -1.56
CA LYS A 5 -0.68 -0.48 -1.74
C LYS A 5 -1.56 0.76 -1.68
N VAL A 6 -2.15 1.13 -2.82
CA VAL A 6 -3.02 2.29 -2.89
C VAL A 6 -4.47 1.91 -2.55
N TYR A 7 -5.08 2.69 -1.66
CA TYR A 7 -6.45 2.45 -1.25
C TYR A 7 -7.42 3.36 -1.99
N PRO A 8 -8.71 2.98 -2.01
CA PRO A 8 -9.76 3.75 -2.68
C PRO A 8 -10.06 5.06 -1.95
N ASN A 9 -9.67 5.13 -0.68
CA ASN A 9 -9.91 6.32 0.12
C ASN A 9 -9.04 7.49 -0.37
N GLY A 10 -7.99 7.16 -1.10
CA GLY A 10 -7.10 8.19 -1.61
C GLY A 10 -5.78 8.24 -0.87
N SER A 11 -5.57 7.28 0.03
CA SER A 11 -4.34 7.21 0.81
C SER A 11 -3.57 5.94 0.50
N ILE A 12 -2.32 5.87 1.00
CA ILE A 12 -1.48 4.70 0.76
C ILE A 12 -1.23 3.95 2.07
N SER A 13 -1.04 2.64 1.95
CA SER A 13 -0.78 1.81 3.13
C SER A 13 0.64 2.00 3.63
N ASP A 14 1.00 1.24 4.66
CA ASP A 14 2.34 1.33 5.25
C ASP A 14 3.08 0.00 5.12
N TYR A 15 2.57 -1.02 5.80
CA TYR A 15 3.18 -2.34 5.77
C TYR A 15 2.87 -3.05 4.46
N CYS A 16 3.87 -3.75 3.92
CA CYS A 16 3.70 -4.48 2.67
C CYS A 16 3.97 -5.97 2.86
N GLU A 17 3.15 -6.81 2.22
CA GLU A 17 3.30 -8.25 2.32
C GLU A 17 4.31 -8.76 1.30
N TYR A 18 5.05 -9.81 1.67
CA TYR A 18 6.04 -10.40 0.78
C TYR A 18 5.70 -11.85 0.47
N ASP A 1 10.82 -5.73 -0.81
CA ASP A 1 9.69 -6.14 -1.64
C ASP A 1 8.37 -5.63 -1.04
N CYS A 2 7.96 -4.44 -1.46
CA CYS A 2 6.72 -3.84 -0.98
C CYS A 2 5.89 -3.28 -2.13
N LYS A 3 4.58 -3.39 -2.02
CA LYS A 3 3.67 -2.89 -3.05
C LYS A 3 2.85 -1.71 -2.53
N ARG A 4 2.95 -0.58 -3.23
CA ARG A 4 2.22 0.62 -2.84
C ARG A 4 0.83 0.63 -3.47
N LYS A 5 -0.17 0.24 -2.68
CA LYS A 5 -1.55 0.20 -3.15
C LYS A 5 -2.29 1.49 -2.78
N VAL A 6 -2.93 2.11 -3.76
CA VAL A 6 -3.67 3.35 -3.53
C VAL A 6 -5.13 3.04 -3.18
N TYR A 7 -5.60 3.64 -2.08
CA TYR A 7 -6.97 3.44 -1.65
C TYR A 7 -7.86 4.60 -2.09
N PRO A 8 -9.19 4.35 -2.11
CA PRO A 8 -10.16 5.36 -2.51
C PRO A 8 -10.30 6.49 -1.49
N ASN A 9 -9.85 6.22 -0.27
CA ASN A 9 -9.91 7.22 0.80
C ASN A 9 -8.93 8.37 0.53
N GLY A 10 -7.96 8.11 -0.33
CA GLY A 10 -6.98 9.13 -0.66
C GLY A 10 -5.63 8.86 -0.01
N SER A 11 -5.50 7.72 0.64
CA SER A 11 -4.25 7.35 1.30
C SER A 11 -3.62 6.12 0.65
N ILE A 12 -2.38 5.82 1.02
CA ILE A 12 -1.68 4.68 0.47
C ILE A 12 -1.42 3.62 1.54
N SER A 13 -1.38 2.36 1.12
CA SER A 13 -1.15 1.26 2.05
C SER A 13 0.33 0.92 2.13
N ASP A 14 0.79 0.56 3.32
CA ASP A 14 2.19 0.21 3.53
C ASP A 14 2.33 -1.27 3.90
N TYR A 15 1.97 -2.15 2.97
CA TYR A 15 2.05 -3.58 3.20
C TYR A 15 3.30 -4.17 2.55
N CYS A 16 4.00 -5.02 3.29
CA CYS A 16 5.22 -5.64 2.79
C CYS A 16 5.19 -7.16 3.04
N GLU A 17 5.74 -7.92 2.09
CA GLU A 17 5.78 -9.37 2.20
C GLU A 17 7.18 -9.85 2.53
N TYR A 18 7.27 -10.99 3.20
CA TYR A 18 8.56 -11.56 3.58
C TYR A 18 8.77 -12.92 2.92
N ASP A 1 11.10 -7.23 -3.32
CA ASP A 1 10.60 -5.94 -2.84
C ASP A 1 9.08 -5.92 -2.84
N CYS A 2 8.51 -4.79 -2.44
CA CYS A 2 7.06 -4.63 -2.38
C CYS A 2 6.64 -3.25 -2.90
N LYS A 3 5.45 -3.18 -3.48
CA LYS A 3 4.94 -1.92 -4.01
C LYS A 3 3.78 -1.40 -3.16
N ARG A 4 3.75 -0.10 -2.93
CA ARG A 4 2.71 0.52 -2.12
C ARG A 4 1.35 0.38 -2.81
N LYS A 5 0.32 0.12 -2.01
CA LYS A 5 -1.03 -0.03 -2.54
C LYS A 5 -1.87 1.20 -2.25
N VAL A 6 -2.44 1.79 -3.30
CA VAL A 6 -3.27 2.98 -3.16
C VAL A 6 -4.72 2.61 -2.87
N TYR A 7 -5.31 3.25 -1.87
CA TYR A 7 -6.70 2.98 -1.50
C TYR A 7 -7.63 4.04 -2.10
N PRO A 8 -8.92 3.70 -2.18
CA PRO A 8 -9.94 4.60 -2.73
C PRO A 8 -10.21 5.79 -1.81
N ASN A 9 -9.83 5.65 -0.55
CA ASN A 9 -10.03 6.72 0.43
C ASN A 9 -9.14 7.92 0.12
N GLY A 10 -8.08 7.67 -0.66
CA GLY A 10 -7.15 8.73 -1.01
C GLY A 10 -5.83 8.63 -0.27
N SER A 11 -5.67 7.55 0.48
CA SER A 11 -4.44 7.33 1.25
C SER A 11 -3.69 6.09 0.74
N ILE A 12 -2.46 5.94 1.20
CA ILE A 12 -1.64 4.80 0.79
C ILE A 12 -1.42 3.84 1.96
N SER A 13 -1.34 2.54 1.64
CA SER A 13 -1.13 1.52 2.66
C SER A 13 0.35 1.40 3.01
N ASP A 14 0.62 1.09 4.27
CA ASP A 14 1.99 0.95 4.75
C ASP A 14 2.27 -0.49 5.17
N TYR A 15 1.78 -1.44 4.38
CA TYR A 15 1.98 -2.85 4.66
C TYR A 15 2.67 -3.55 3.50
N CYS A 16 3.48 -4.56 3.82
CA CYS A 16 4.20 -5.31 2.81
C CYS A 16 4.25 -6.79 3.16
N GLU A 17 4.25 -7.65 2.14
CA GLU A 17 4.29 -9.09 2.34
C GLU A 17 5.66 -9.65 1.98
N TYR A 18 6.30 -10.28 2.96
CA TYR A 18 7.63 -10.87 2.75
C TYR A 18 7.62 -12.35 3.08
N ASP A 1 12.35 -6.41 -2.24
CA ASP A 1 11.69 -5.11 -2.18
C ASP A 1 10.19 -5.26 -2.38
N CYS A 2 9.44 -4.26 -1.92
CA CYS A 2 7.98 -4.27 -2.05
C CYS A 2 7.48 -2.99 -2.72
N LYS A 3 6.31 -3.07 -3.34
CA LYS A 3 5.72 -1.93 -4.01
C LYS A 3 4.46 -1.44 -3.28
N ARG A 4 4.33 -0.13 -3.14
CA ARG A 4 3.18 0.45 -2.46
C ARG A 4 1.93 0.39 -3.34
N LYS A 5 0.77 0.65 -2.75
CA LYS A 5 -0.48 0.62 -3.47
C LYS A 5 -1.46 1.66 -2.94
N VAL A 6 -2.37 2.12 -3.79
CA VAL A 6 -3.35 3.12 -3.41
C VAL A 6 -4.67 2.47 -3.04
N TYR A 7 -5.25 2.91 -1.91
CA TYR A 7 -6.52 2.38 -1.45
C TYR A 7 -7.68 3.30 -1.82
N PRO A 8 -8.90 2.74 -1.82
CA PRO A 8 -10.11 3.51 -2.15
C PRO A 8 -10.46 4.53 -1.07
N ASN A 9 -9.93 4.33 0.13
CA ASN A 9 -10.18 5.24 1.24
C ASN A 9 -9.53 6.60 0.99
N GLY A 10 -8.56 6.63 0.08
CA GLY A 10 -7.87 7.87 -0.23
C GLY A 10 -6.48 7.92 0.36
N SER A 11 -6.03 6.82 0.94
CA SER A 11 -4.71 6.74 1.55
C SER A 11 -3.83 5.74 0.82
N ILE A 12 -2.54 5.78 1.10
CA ILE A 12 -1.58 4.87 0.47
C ILE A 12 -0.97 3.92 1.50
N SER A 13 -0.72 2.69 1.06
CA SER A 13 -0.14 1.68 1.94
C SER A 13 1.38 1.84 2.02
N ASP A 14 1.94 1.64 3.21
CA ASP A 14 3.37 1.77 3.42
C ASP A 14 3.98 0.41 3.78
N TYR A 15 3.21 -0.42 4.44
CA TYR A 15 3.67 -1.75 4.85
C TYR A 15 3.48 -2.76 3.72
N CYS A 16 4.22 -3.86 3.78
CA CYS A 16 4.13 -4.90 2.78
C CYS A 16 3.83 -6.26 3.42
N GLU A 17 2.84 -6.96 2.87
CA GLU A 17 2.45 -8.26 3.37
C GLU A 17 2.59 -9.33 2.30
N TYR A 18 2.82 -10.57 2.73
CA TYR A 18 2.97 -11.69 1.80
C TYR A 18 1.89 -12.74 2.04
N ASP A 1 12.15 -2.19 -1.61
CA ASP A 1 11.06 -1.83 -2.51
C ASP A 1 9.98 -2.92 -2.53
N CYS A 2 8.79 -2.58 -2.04
CA CYS A 2 7.69 -3.52 -2.01
C CYS A 2 6.48 -2.98 -2.76
N LYS A 3 5.49 -3.83 -2.97
CA LYS A 3 4.27 -3.43 -3.68
C LYS A 3 3.44 -2.48 -2.83
N ARG A 4 2.95 -1.42 -3.46
CA ARG A 4 2.13 -0.43 -2.77
C ARG A 4 0.67 -0.53 -3.19
N LYS A 5 -0.23 -0.31 -2.25
CA LYS A 5 -1.66 -0.38 -2.52
C LYS A 5 -2.33 0.97 -2.28
N VAL A 6 -3.04 1.47 -3.28
CA VAL A 6 -3.73 2.75 -3.18
C VAL A 6 -5.19 2.56 -2.76
N TYR A 7 -5.62 3.33 -1.76
CA TYR A 7 -6.98 3.25 -1.26
C TYR A 7 -7.84 4.36 -1.84
N PRO A 8 -9.17 4.17 -1.80
CA PRO A 8 -10.13 5.15 -2.32
C PRO A 8 -10.19 6.41 -1.45
N ASN A 9 -9.72 6.30 -0.21
CA ASN A 9 -9.71 7.44 0.71
C ASN A 9 -8.72 8.50 0.26
N GLY A 10 -7.77 8.10 -0.60
CA GLY A 10 -6.77 9.02 -1.09
C GLY A 10 -5.41 8.81 -0.45
N SER A 11 -5.29 7.75 0.34
CA SER A 11 -4.04 7.42 1.02
C SER A 11 -3.47 6.11 0.51
N ILE A 12 -2.21 5.85 0.85
CA ILE A 12 -1.54 4.63 0.42
C ILE A 12 -1.15 3.77 1.63
N SER A 13 -1.22 2.45 1.45
CA SER A 13 -0.87 1.53 2.52
C SER A 13 0.51 0.90 2.28
N ASP A 14 1.31 0.86 3.32
CA ASP A 14 2.66 0.29 3.23
C ASP A 14 2.74 -1.04 3.98
N TYR A 15 2.42 -2.12 3.29
CA TYR A 15 2.46 -3.45 3.90
C TYR A 15 2.98 -4.49 2.91
N CYS A 16 3.99 -5.24 3.33
CA CYS A 16 4.59 -6.26 2.48
C CYS A 16 4.39 -7.65 3.09
N GLU A 17 4.09 -8.63 2.24
CA GLU A 17 3.88 -10.00 2.69
C GLU A 17 5.21 -10.65 3.08
N TYR A 18 5.14 -11.60 4.01
CA TYR A 18 6.33 -12.30 4.47
C TYR A 18 6.88 -13.22 3.39
N ASP A 1 12.71 -3.68 -1.47
CA ASP A 1 11.83 -3.66 -2.64
C ASP A 1 10.44 -4.16 -2.29
N CYS A 2 9.50 -3.23 -2.18
CA CYS A 2 8.12 -3.59 -1.85
C CYS A 2 7.14 -2.90 -2.79
N LYS A 3 6.06 -3.58 -3.12
CA LYS A 3 5.04 -3.03 -4.01
C LYS A 3 4.13 -2.07 -3.26
N ARG A 4 3.63 -1.07 -3.97
CA ARG A 4 2.74 -0.07 -3.37
C ARG A 4 1.31 -0.22 -3.90
N LYS A 5 0.34 -0.13 -3.01
CA LYS A 5 -1.07 -0.26 -3.39
C LYS A 5 -1.87 0.95 -2.91
N VAL A 6 -2.69 1.49 -3.80
CA VAL A 6 -3.51 2.65 -3.48
C VAL A 6 -4.87 2.22 -2.93
N TYR A 7 -5.27 2.82 -1.82
CA TYR A 7 -6.56 2.50 -1.19
C TYR A 7 -7.62 3.51 -1.58
N PRO A 8 -8.89 3.12 -1.42
CA PRO A 8 -10.03 3.98 -1.75
C PRO A 8 -10.17 5.16 -0.79
N ASN A 9 -9.58 5.02 0.39
CA ASN A 9 -9.63 6.07 1.40
C ASN A 9 -8.83 7.30 0.95
N GLY A 10 -7.93 7.09 0.00
CA GLY A 10 -7.12 8.20 -0.51
C GLY A 10 -5.68 8.12 -0.01
N SER A 11 -5.35 7.03 0.67
CA SER A 11 -4.00 6.85 1.20
C SER A 11 -3.31 5.67 0.53
N ILE A 12 -2.00 5.56 0.74
CA ILE A 12 -1.22 4.49 0.16
C ILE A 12 -0.81 3.45 1.21
N SER A 13 -0.75 2.20 0.80
CA SER A 13 -0.38 1.12 1.71
C SER A 13 1.08 1.25 2.14
N ASP A 14 1.30 1.37 3.44
CA ASP A 14 2.65 1.50 3.99
C ASP A 14 3.23 0.13 4.33
N TYR A 15 2.40 -0.73 4.92
CA TYR A 15 2.83 -2.06 5.31
C TYR A 15 3.05 -2.94 4.09
N CYS A 16 3.70 -4.08 4.29
CA CYS A 16 3.97 -5.01 3.20
C CYS A 16 3.43 -6.41 3.53
N GLU A 17 2.75 -7.02 2.56
CA GLU A 17 2.18 -8.34 2.75
C GLU A 17 3.12 -9.42 2.20
N TYR A 18 3.22 -10.53 2.92
CA TYR A 18 4.08 -11.63 2.51
C TYR A 18 3.58 -12.26 1.22
N ASP A 1 10.62 -6.89 -2.14
CA ASP A 1 10.31 -5.62 -2.79
C ASP A 1 8.84 -5.58 -3.20
N CYS A 2 8.14 -4.53 -2.78
CA CYS A 2 6.73 -4.36 -3.10
C CYS A 2 6.35 -2.88 -3.17
N LYS A 3 5.61 -2.51 -4.20
CA LYS A 3 5.18 -1.13 -4.38
C LYS A 3 4.10 -0.77 -3.37
N ARG A 4 4.12 0.49 -2.91
CA ARG A 4 3.14 0.97 -1.95
C ARG A 4 1.71 0.79 -2.48
N LYS A 5 0.94 -0.05 -1.81
CA LYS A 5 -0.43 -0.32 -2.21
C LYS A 5 -1.30 0.93 -2.02
N VAL A 6 -2.10 1.25 -3.05
CA VAL A 6 -2.97 2.42 -2.98
C VAL A 6 -4.41 2.01 -2.71
N TYR A 7 -5.04 2.67 -1.74
CA TYR A 7 -6.42 2.37 -1.39
C TYR A 7 -7.38 3.35 -2.06
N PRO A 8 -8.66 2.95 -2.14
CA PRO A 8 -9.71 3.78 -2.75
C PRO A 8 -10.04 5.01 -1.91
N ASN A 9 -9.69 4.95 -0.63
CA ASN A 9 -9.95 6.06 0.29
C ASN A 9 -9.08 7.27 -0.06
N GLY A 10 -8.00 7.02 -0.79
CA GLY A 10 -7.12 8.10 -1.19
C GLY A 10 -5.81 8.07 -0.41
N SER A 11 -5.62 7.04 0.40
CA SER A 11 -4.41 6.90 1.20
C SER A 11 -3.60 5.69 0.76
N ILE A 12 -2.36 5.62 1.23
CA ILE A 12 -1.47 4.52 0.88
C ILE A 12 -1.19 3.62 2.09
N SER A 13 -0.90 2.35 1.83
CA SER A 13 -0.62 1.40 2.90
C SER A 13 0.72 1.70 3.55
N ASP A 14 0.92 1.16 4.76
CA ASP A 14 2.17 1.38 5.50
C ASP A 14 3.26 0.44 5.00
N TYR A 15 2.95 -0.86 4.97
CA TYR A 15 3.91 -1.86 4.52
C TYR A 15 3.25 -2.88 3.59
N CYS A 16 4.05 -3.77 3.03
CA CYS A 16 3.54 -4.80 2.14
C CYS A 16 3.87 -6.20 2.66
N GLU A 17 2.85 -7.03 2.80
CA GLU A 17 3.03 -8.40 3.29
C GLU A 17 3.80 -9.24 2.27
N TYR A 18 4.63 -10.14 2.78
CA TYR A 18 5.42 -11.01 1.92
C TYR A 18 4.73 -12.35 1.71
N ASP A 1 11.44 -2.04 -3.19
CA ASP A 1 11.35 -3.30 -2.47
C ASP A 1 9.99 -3.95 -2.69
N CYS A 2 8.93 -3.25 -2.31
CA CYS A 2 7.57 -3.76 -2.47
C CYS A 2 6.68 -2.73 -3.15
N LYS A 3 5.65 -3.21 -3.84
CA LYS A 3 4.72 -2.32 -4.53
C LYS A 3 3.69 -1.76 -3.56
N ARG A 4 3.77 -0.45 -3.32
CA ARG A 4 2.84 0.21 -2.42
C ARG A 4 1.40 -0.10 -2.79
N LYS A 5 0.53 -0.15 -1.79
CA LYS A 5 -0.88 -0.45 -2.02
C LYS A 5 -1.73 0.82 -1.86
N VAL A 6 -2.35 1.24 -2.96
CA VAL A 6 -3.19 2.43 -2.95
C VAL A 6 -4.63 2.09 -2.60
N TYR A 7 -5.19 2.82 -1.64
CA TYR A 7 -6.57 2.59 -1.20
C TYR A 7 -7.51 3.60 -1.84
N PRO A 8 -8.81 3.26 -1.86
CA PRO A 8 -9.84 4.11 -2.43
C PRO A 8 -10.08 5.38 -1.61
N ASN A 9 -9.66 5.34 -0.34
CA ASN A 9 -9.83 6.48 0.55
C ASN A 9 -8.93 7.65 0.12
N GLY A 10 -7.92 7.34 -0.67
CA GLY A 10 -7.01 8.37 -1.14
C GLY A 10 -5.67 8.31 -0.45
N SER A 11 -5.47 7.29 0.38
CA SER A 11 -4.22 7.13 1.11
C SER A 11 -3.47 5.88 0.65
N ILE A 12 -2.20 5.77 1.05
CA ILE A 12 -1.39 4.62 0.68
C ILE A 12 -0.93 3.86 1.92
N SER A 13 -0.97 2.54 1.84
CA SER A 13 -0.56 1.69 2.95
C SER A 13 0.90 1.26 2.80
N ASP A 14 1.68 1.48 3.85
CA ASP A 14 3.09 1.12 3.84
C ASP A 14 3.31 -0.27 4.43
N TYR A 15 2.69 -1.27 3.80
CA TYR A 15 2.81 -2.64 4.27
C TYR A 15 3.00 -3.60 3.10
N CYS A 16 3.67 -4.72 3.36
CA CYS A 16 3.91 -5.73 2.33
C CYS A 16 3.62 -7.13 2.85
N GLU A 17 2.85 -7.89 2.08
CA GLU A 17 2.49 -9.25 2.47
C GLU A 17 3.73 -10.13 2.58
N TYR A 18 3.79 -10.94 3.62
CA TYR A 18 4.92 -11.83 3.83
C TYR A 18 4.52 -13.29 3.63
N ASP A 1 11.81 -4.65 -0.59
CA ASP A 1 11.03 -4.08 -1.68
C ASP A 1 9.55 -4.43 -1.52
N CYS A 2 8.72 -3.40 -1.42
CA CYS A 2 7.28 -3.58 -1.27
C CYS A 2 6.51 -2.88 -2.39
N LYS A 3 5.41 -3.49 -2.81
CA LYS A 3 4.58 -2.92 -3.87
C LYS A 3 3.66 -1.84 -3.32
N ARG A 4 3.72 -0.65 -3.93
CA ARG A 4 2.89 0.47 -3.50
C ARG A 4 1.54 0.45 -4.20
N LYS A 5 0.47 0.60 -3.43
CA LYS A 5 -0.88 0.60 -3.97
C LYS A 5 -1.74 1.67 -3.31
N VAL A 6 -2.52 2.37 -4.13
CA VAL A 6 -3.39 3.44 -3.62
C VAL A 6 -4.80 2.91 -3.35
N TYR A 7 -5.33 3.21 -2.18
CA TYR A 7 -6.66 2.77 -1.80
C TYR A 7 -7.68 3.89 -2.00
N PRO A 8 -8.96 3.51 -2.08
CA PRO A 8 -10.07 4.47 -2.26
C PRO A 8 -10.29 5.33 -1.03
N ASN A 9 -9.80 4.87 0.12
CA ASN A 9 -9.95 5.60 1.37
C ASN A 9 -9.13 6.89 1.35
N GLY A 10 -8.14 6.94 0.46
CA GLY A 10 -7.31 8.13 0.35
C GLY A 10 -5.92 7.90 0.93
N SER A 11 -5.64 6.65 1.31
CA SER A 11 -4.34 6.31 1.88
C SER A 11 -3.58 5.36 0.96
N ILE A 12 -2.28 5.23 1.21
CA ILE A 12 -1.43 4.35 0.41
C ILE A 12 -0.81 3.26 1.27
N SER A 13 -0.69 2.06 0.69
CA SER A 13 -0.11 0.92 1.40
C SER A 13 1.38 1.13 1.62
N ASP A 14 1.79 1.21 2.88
CA ASP A 14 3.20 1.41 3.22
C ASP A 14 3.94 0.06 3.24
N TYR A 15 3.56 -0.80 4.16
CA TYR A 15 4.19 -2.12 4.28
C TYR A 15 3.48 -3.14 3.39
N CYS A 16 4.19 -4.21 3.04
CA CYS A 16 3.63 -5.26 2.20
C CYS A 16 3.63 -6.60 2.95
N GLU A 17 2.60 -7.40 2.70
CA GLU A 17 2.48 -8.70 3.35
C GLU A 17 3.39 -9.72 2.69
N TYR A 18 3.95 -10.61 3.50
CA TYR A 18 4.85 -11.64 2.99
C TYR A 18 4.46 -13.02 3.53
N ASP A 1 10.26 -2.90 -0.54
CA ASP A 1 10.47 -3.18 -1.96
C ASP A 1 9.25 -3.86 -2.57
N CYS A 2 8.07 -3.45 -2.12
CA CYS A 2 6.82 -4.03 -2.61
C CYS A 2 5.95 -2.95 -3.26
N LYS A 3 5.02 -3.39 -4.11
CA LYS A 3 4.11 -2.47 -4.79
C LYS A 3 3.23 -1.72 -3.79
N ARG A 4 3.30 -0.39 -3.82
CA ARG A 4 2.52 0.43 -2.92
C ARG A 4 1.03 0.35 -3.28
N LYS A 5 0.26 -0.28 -2.41
CA LYS A 5 -1.18 -0.41 -2.62
C LYS A 5 -1.91 0.88 -2.31
N VAL A 6 -2.53 1.48 -3.32
CA VAL A 6 -3.27 2.72 -3.15
C VAL A 6 -4.74 2.46 -2.86
N TYR A 7 -5.26 3.13 -1.84
CA TYR A 7 -6.66 2.97 -1.45
C TYR A 7 -7.52 4.10 -2.00
N PRO A 8 -8.84 3.87 -2.08
CA PRO A 8 -9.79 4.86 -2.58
C PRO A 8 -9.95 6.05 -1.63
N ASN A 9 -9.57 5.86 -0.38
CA ASN A 9 -9.67 6.91 0.62
C ASN A 9 -8.68 8.04 0.33
N GLY A 10 -7.67 7.73 -0.47
CA GLY A 10 -6.67 8.73 -0.83
C GLY A 10 -5.35 8.51 -0.12
N SER A 11 -5.25 7.40 0.60
CA SER A 11 -4.03 7.07 1.33
C SER A 11 -3.37 5.82 0.74
N ILE A 12 -2.11 5.60 1.11
CA ILE A 12 -1.35 4.46 0.63
C ILE A 12 -0.95 3.54 1.77
N SER A 13 -0.95 2.24 1.51
CA SER A 13 -0.59 1.26 2.53
C SER A 13 0.82 0.73 2.29
N ASP A 14 1.64 0.75 3.33
CA ASP A 14 3.01 0.26 3.24
C ASP A 14 3.19 -1.02 4.03
N TYR A 15 2.19 -1.89 3.98
CA TYR A 15 2.24 -3.16 4.69
C TYR A 15 2.10 -4.34 3.72
N CYS A 16 3.22 -4.99 3.45
CA CYS A 16 3.24 -6.13 2.55
C CYS A 16 3.89 -7.34 3.20
N GLU A 17 3.22 -8.49 3.12
CA GLU A 17 3.73 -9.72 3.71
C GLU A 17 5.04 -10.14 3.05
N TYR A 18 6.08 -10.32 3.86
CA TYR A 18 7.38 -10.72 3.34
C TYR A 18 7.35 -12.14 2.79
N ASP A 1 11.71 -6.36 -2.35
CA ASP A 1 11.02 -5.10 -2.62
C ASP A 1 9.64 -5.11 -1.97
N CYS A 2 9.01 -3.94 -1.91
CA CYS A 2 7.68 -3.80 -1.33
C CYS A 2 6.83 -2.83 -2.13
N LYS A 3 5.54 -3.12 -2.21
CA LYS A 3 4.61 -2.26 -2.94
C LYS A 3 3.59 -1.63 -2.01
N ARG A 4 3.46 -0.31 -2.09
CA ARG A 4 2.53 0.42 -1.25
C ARG A 4 1.10 0.22 -1.72
N LYS A 5 0.26 -0.35 -0.85
CA LYS A 5 -1.14 -0.58 -1.18
C LYS A 5 -1.91 0.72 -1.30
N VAL A 6 -2.83 0.78 -2.26
CA VAL A 6 -3.64 1.97 -2.48
C VAL A 6 -5.06 1.77 -1.96
N TYR A 7 -5.55 2.76 -1.21
CA TYR A 7 -6.90 2.69 -0.66
C TYR A 7 -7.87 3.50 -1.50
N PRO A 8 -9.18 3.22 -1.34
CA PRO A 8 -10.23 3.92 -2.08
C PRO A 8 -10.41 5.35 -1.62
N ASN A 9 -9.91 5.65 -0.42
CA ASN A 9 -10.02 7.00 0.14
C ASN A 9 -9.15 7.97 -0.65
N GLY A 10 -8.18 7.44 -1.38
CA GLY A 10 -7.29 8.27 -2.16
C GLY A 10 -5.91 8.39 -1.56
N SER A 11 -5.67 7.62 -0.50
CA SER A 11 -4.37 7.63 0.18
C SER A 11 -3.67 6.28 0.02
N ILE A 12 -2.37 6.27 0.32
CA ILE A 12 -1.59 5.05 0.23
C ILE A 12 -1.07 4.62 1.60
N SER A 13 -0.78 3.33 1.74
CA SER A 13 -0.28 2.79 2.99
C SER A 13 1.09 2.12 2.79
N ASP A 14 1.76 1.83 3.89
CA ASP A 14 3.07 1.20 3.85
C ASP A 14 3.01 -0.22 4.40
N TYR A 15 2.78 -1.19 3.51
CA TYR A 15 2.69 -2.59 3.91
C TYR A 15 3.56 -3.46 3.01
N CYS A 16 3.99 -4.60 3.54
CA CYS A 16 4.83 -5.53 2.80
C CYS A 16 4.20 -6.93 2.77
N GLU A 17 4.09 -7.49 1.57
CA GLU A 17 3.53 -8.82 1.41
C GLU A 17 4.61 -9.87 1.22
N TYR A 18 4.37 -11.07 1.73
CA TYR A 18 5.34 -12.16 1.60
C TYR A 18 5.64 -12.47 0.14
N ASP A 1 11.94 -6.06 -2.19
CA ASP A 1 11.17 -4.90 -2.66
C ASP A 1 9.68 -5.18 -2.56
N CYS A 2 8.89 -4.12 -2.37
CA CYS A 2 7.45 -4.25 -2.26
C CYS A 2 6.74 -3.18 -3.09
N LYS A 3 5.61 -3.55 -3.68
CA LYS A 3 4.84 -2.62 -4.49
C LYS A 3 3.78 -1.90 -3.65
N ARG A 4 3.93 -0.58 -3.54
CA ARG A 4 2.99 0.22 -2.77
C ARG A 4 1.57 0.09 -3.33
N LYS A 5 0.62 -0.16 -2.43
CA LYS A 5 -0.78 -0.31 -2.84
C LYS A 5 -1.59 0.92 -2.43
N VAL A 6 -2.38 1.43 -3.37
CA VAL A 6 -3.21 2.60 -3.11
C VAL A 6 -4.64 2.20 -2.77
N TYR A 7 -5.20 2.85 -1.76
CA TYR A 7 -6.56 2.56 -1.33
C TYR A 7 -7.54 3.59 -1.88
N PRO A 8 -8.83 3.23 -1.90
CA PRO A 8 -9.89 4.10 -2.40
C PRO A 8 -10.14 5.29 -1.49
N ASN A 9 -9.71 5.17 -0.23
CA ASN A 9 -9.89 6.24 0.74
C ASN A 9 -9.04 7.45 0.38
N GLY A 10 -8.02 7.23 -0.45
CA GLY A 10 -7.15 8.31 -0.85
C GLY A 10 -5.79 8.25 -0.18
N SER A 11 -5.55 7.17 0.56
CA SER A 11 -4.28 6.99 1.26
C SER A 11 -3.51 5.81 0.69
N ILE A 12 -2.22 5.73 1.01
CA ILE A 12 -1.37 4.66 0.53
C ILE A 12 -0.94 3.74 1.67
N SER A 13 -0.95 2.44 1.43
CA SER A 13 -0.56 1.47 2.44
C SER A 13 0.85 1.73 2.93
N ASP A 14 1.11 1.40 4.19
CA ASP A 14 2.43 1.60 4.78
C ASP A 14 3.15 0.27 4.94
N TYR A 15 2.41 -0.76 5.31
CA TYR A 15 2.99 -2.09 5.50
C TYR A 15 2.36 -3.11 4.55
N CYS A 16 3.20 -3.96 3.98
CA CYS A 16 2.73 -4.98 3.05
C CYS A 16 3.33 -6.35 3.39
N GLU A 17 2.69 -7.40 2.91
CA GLU A 17 3.17 -8.76 3.16
C GLU A 17 4.05 -9.26 2.01
N TYR A 18 5.10 -9.98 2.35
CA TYR A 18 6.02 -10.51 1.36
C TYR A 18 5.44 -11.72 0.65
#